data_7U41
#
_entry.id   7U41
#
_cell.length_a   67.116
_cell.length_b   100.809
_cell.length_c   134.242
_cell.angle_alpha   108.504
_cell.angle_beta   98.099
_cell.angle_gamma   100.929
#
_symmetry.space_group_name_H-M   'P 1'
#
loop_
_entity.id
_entity.type
_entity.pdbx_description
1 polymer "DNA (5'-D(P*CP*AP*AP*GP*AP*GP*CP*CP*TP*GP*AP*TP*CP*GP*GP*AP*CP*AP*AP*GP*C)-3')"
2 polymer "DNA (5'-D(P*TP*CP*AP*CP*TP*CP*AP*GP*CP*AP*TP*GP*TP*GP*AP*TP*GP*TP*GP*GP*CP*TP*CP*T)-3')"
3 polymer "DNA (5'-D(P*TP*CP*GP*CP*TP*TP*GP*TP*GP*GP*TP*AP*GP*G)-3')"
4 polymer 'DNA (42-MER)'
5 polymer 'DNA (35-MER)'
6 polymer 'DNA (31-MER)'
7 polymer "DNA (5'-D(*GP*CP*CP*AP*CP*CP*GP*AP*TP*CP*AP*CP*CP*GP*AP*TP*CP*AP*CP*CP*T)-3')"
#
loop_
_entity_poly.entity_id
_entity_poly.type
_entity_poly.pdbx_seq_one_letter_code
_entity_poly.pdbx_strand_id
1 'polydeoxyribonucleotide'
;(DC)(DA)(DA)(DG)(DA)(DG)(DC)(DC)(DT)(DG)(DA)(DT)(DC)(DG)(DG)(DA)(DC)(DA)(DA)(DG)
(DC)
;
A
2 'polydeoxyribonucleotide'
;(DT)(DC)(DA)(DC)(DT)(DC)(DA)(DG)(DC)(DA)(DT)(DG)(DT)(DG)(DA)(DT)(DG)(DT)(DG)(DG)
(DC)(DT)(DC)(DT)
;
E
3 'polydeoxyribonucleotide' (DT)(DC)(DG)(DC)(DT)(DT)(DG)(DT)(DG)(DG)(DT)(DA)(DG)(DG) D
4 'polydeoxyribonucleotide'
;(DA)(DG)(DC)(DC)(DT)(DA)(DC)(DC)(DT)(DG)(DG)(DC)(DA)(DG)(DG)(DA)(DC)(DG)(DA)(DC)
(DT)(DC)(DT)(DC)(DT)(DG)(DC)(DA)(DC)(DT)(DA)(DC)(DT)(DA)(DC)(DG)(DT)(DC)(DA)(DG)
(DC)(DA)
;
B
5 'polydeoxyribonucleotide'
;(DT)(DT)(DT)(DG)(DC)(DT)(DG)(DA)(DC)(DG)(DT)(DA)(DG)(DT)(DA)(DG)(DT)(DG)(DC)(DA)
(DG)(DA)(DG)(DA)(DG)(DT)(DC)(DG)(DT)(DG)(DG)(DC)(DT)(DC)(DG)
;
F
6 'polydeoxyribonucleotide'
;(DC)(DA)(DC)(DG)(DA)(DG)(DC)(DC)(DT)(DG)(DA)(DT)(DC)(DG)(DG)(DA)(DC)(DA)(DT)(DC)
(DA)(DC)(DA)(DT)(DG)(DC)(DT)(DG)(DA)(DG)(DT)
;
C
7 'polydeoxyribonucleotide'
;(DG)(DC)(DC)(DA)(DC)(DC)(DG)(DA)(DT)(DC)(DA)(DC)(DC)(DG)(DA)(DT)(DC)(DA)(DC)(DC)
(DT)
;
M
#